data_5H99
#
_entry.id   5H99
#
_cell.length_a   61.535
_cell.length_b   74.817
_cell.length_c   93.787
_cell.angle_alpha   90.00
_cell.angle_beta   90.00
_cell.angle_gamma   90.00
#
_symmetry.space_group_name_H-M   'P 21 21 21'
#
loop_
_entity.id
_entity.type
_entity.pdbx_description
1 polymer 'Geobacter metallireducens SMUG1'
2 water water
#
_entity_poly.entity_id   1
_entity_poly.type   'polypeptide(L)'
_entity_poly.pdbx_seq_one_letter_code
;GPHMTGLAAISDALAADLAGLSFSSPVAHVYNPLLYAREPHVAYLSRFGSPPKEVLFVGMDPGPWGMAQTGVPFGEVAVV
TEWLGINGTVTRPAGEHPKKRVDGFACRRSEVSGRRLWGFIRERFGTPERFFARFFVANYCPLLFLTAEGGNITPDKLRR
GEQEPLFAACDLALRRTVVLLRPRVVIGVGAFAEARCHEALEGFDVEVGRIIHPSPASPAANRDWAGTALRQLAELGVDF
;
_entity_poly.pdbx_strand_id   A,B
#
# COMPACT_ATOMS: atom_id res chain seq x y z
N THR A 5 14.51 30.70 -9.82
CA THR A 5 13.89 29.93 -8.74
C THR A 5 13.21 28.67 -9.29
N GLY A 6 13.68 28.23 -10.45
CA GLY A 6 13.10 27.10 -11.16
C GLY A 6 13.14 25.74 -10.48
N LEU A 7 12.78 24.71 -11.23
CA LEU A 7 12.72 23.34 -10.72
C LEU A 7 14.06 22.83 -10.20
N ALA A 8 15.16 23.28 -10.81
CA ALA A 8 16.48 22.79 -10.45
C ALA A 8 16.81 23.16 -9.01
N ALA A 9 16.38 24.35 -8.59
CA ALA A 9 16.58 24.80 -7.22
C ALA A 9 15.81 23.92 -6.25
N ILE A 10 14.59 23.56 -6.65
CA ILE A 10 13.74 22.69 -5.85
C ILE A 10 14.37 21.32 -5.68
N SER A 11 14.86 20.74 -6.78
CA SER A 11 15.49 19.43 -6.74
C SER A 11 16.79 19.44 -5.94
N ASP A 12 17.58 20.50 -6.07
CA ASP A 12 18.82 20.62 -5.31
C ASP A 12 18.51 20.72 -3.81
N ALA A 13 17.52 21.56 -3.47
CA ALA A 13 17.09 21.70 -2.09
C ALA A 13 16.61 20.36 -1.52
N LEU A 14 15.84 19.64 -2.30
CA LEU A 14 15.35 18.33 -1.89
C LEU A 14 16.50 17.37 -1.69
N ALA A 15 17.50 17.44 -2.57
CA ALA A 15 18.68 16.59 -2.49
C ALA A 15 19.43 16.85 -1.20
N ALA A 16 19.58 18.13 -0.85
CA ALA A 16 20.24 18.51 0.39
C ALA A 16 19.45 17.99 1.59
N ASP A 17 18.13 18.14 1.53
CA ASP A 17 17.26 17.65 2.59
C ASP A 17 17.37 16.13 2.81
N LEU A 18 17.36 15.38 1.72
CA LEU A 18 17.45 13.93 1.78
C LEU A 18 18.83 13.49 2.28
N ALA A 19 19.86 14.23 1.85
CA ALA A 19 21.24 13.91 2.22
C ALA A 19 21.46 14.06 3.72
N GLY A 20 20.66 14.92 4.36
CA GLY A 20 20.79 15.17 5.78
C GLY A 20 19.97 14.23 6.64
N LEU A 21 19.33 13.26 6.01
CA LEU A 21 18.51 12.29 6.74
C LEU A 21 19.31 11.05 7.15
N SER A 22 18.86 10.38 8.20
CA SER A 22 19.47 9.14 8.66
C SER A 22 18.44 8.03 8.61
N PHE A 23 18.90 6.81 8.31
CA PHE A 23 18.00 5.66 8.22
C PHE A 23 18.55 4.45 8.96
N SER A 24 17.67 3.74 9.67
CA SER A 24 18.07 2.60 10.49
C SER A 24 17.76 1.29 9.78
N SER A 25 17.97 0.19 10.49
CA SER A 25 17.62 -1.14 9.99
C SER A 25 16.15 -1.16 9.56
N PRO A 26 15.85 -1.83 8.43
CA PRO A 26 16.76 -2.66 7.64
C PRO A 26 17.52 -1.92 6.54
N VAL A 27 17.43 -0.60 6.50
CA VAL A 27 18.14 0.19 5.50
C VAL A 27 19.65 0.10 5.66
N ALA A 28 20.32 -0.44 4.65
CA ALA A 28 21.77 -0.55 4.67
C ALA A 28 22.40 0.40 3.64
N HIS A 29 21.65 0.69 2.58
CA HIS A 29 22.15 1.54 1.51
C HIS A 29 21.09 2.53 1.02
N VAL A 30 21.51 3.76 0.74
CA VAL A 30 20.61 4.78 0.23
C VAL A 30 21.17 5.43 -1.04
N TYR A 31 20.42 5.35 -2.12
CA TYR A 31 20.81 5.99 -3.38
C TYR A 31 20.09 7.32 -3.51
N ASN A 32 20.85 8.37 -3.79
CA ASN A 32 20.29 9.70 -3.98
C ASN A 32 20.62 10.23 -5.38
N PRO A 33 19.82 9.84 -6.38
CA PRO A 33 20.04 10.18 -7.79
C PRO A 33 20.00 11.68 -8.07
N LEU A 34 19.39 12.45 -7.17
CA LEU A 34 19.39 13.90 -7.33
C LEU A 34 20.80 14.46 -7.18
N LEU A 35 21.66 13.74 -6.47
CA LEU A 35 23.07 14.11 -6.36
C LEU A 35 23.94 13.47 -7.45
N TYR A 36 23.98 12.15 -7.51
CA TYR A 36 24.95 11.48 -8.37
C TYR A 36 24.52 11.48 -9.83
N ALA A 37 23.25 11.78 -10.06
CA ALA A 37 22.72 11.88 -11.42
C ALA A 37 22.06 13.24 -11.61
N ARG A 38 22.62 14.24 -10.94
CA ARG A 38 22.11 15.60 -11.02
C ARG A 38 22.07 16.14 -12.45
N GLU A 39 23.08 15.77 -13.24
CA GLU A 39 23.24 16.34 -14.57
C GLU A 39 22.10 15.93 -15.54
N PRO A 40 21.84 14.62 -15.70
CA PRO A 40 20.70 14.28 -16.57
C PRO A 40 19.36 14.72 -15.98
N HIS A 41 19.23 14.67 -14.65
CA HIS A 41 18.01 15.08 -13.98
C HIS A 41 17.69 16.54 -14.25
N VAL A 42 18.71 17.38 -14.16
CA VAL A 42 18.57 18.82 -14.35
C VAL A 42 18.38 19.11 -15.83
N ALA A 43 18.96 18.27 -16.68
CA ALA A 43 18.68 18.33 -18.10
C ALA A 43 17.18 18.16 -18.33
N TYR A 44 16.63 17.12 -17.71
CA TYR A 44 15.19 16.85 -17.76
C TYR A 44 14.35 18.03 -17.27
N LEU A 45 14.69 18.55 -16.09
CA LEU A 45 13.95 19.65 -15.49
C LEU A 45 13.98 20.93 -16.32
N SER A 46 15.16 21.23 -16.88
CA SER A 46 15.35 22.47 -17.60
C SER A 46 14.73 22.41 -18.99
N ARG A 47 14.91 21.28 -19.67
CA ARG A 47 14.41 21.12 -21.03
C ARG A 47 12.90 20.89 -21.10
N PHE A 48 12.35 20.14 -20.14
CA PHE A 48 10.96 19.72 -20.27
C PHE A 48 10.03 20.21 -19.16
N GLY A 49 10.57 20.89 -18.15
CA GLY A 49 9.79 21.27 -16.99
C GLY A 49 9.36 22.72 -16.89
N SER A 50 9.45 23.47 -17.99
CA SER A 50 9.10 24.88 -18.00
C SER A 50 7.63 25.13 -17.65
N PRO A 51 7.38 26.01 -16.68
CA PRO A 51 6.00 26.40 -16.33
C PRO A 51 5.35 27.21 -17.45
N PRO A 52 4.02 27.22 -17.51
CA PRO A 52 3.13 26.46 -16.63
C PRO A 52 2.77 25.08 -17.16
N LYS A 53 2.46 24.15 -16.26
CA LYS A 53 1.91 22.86 -16.63
C LYS A 53 0.44 22.85 -16.27
N GLU A 54 -0.34 22.05 -16.99
CA GLU A 54 -1.72 21.85 -16.61
C GLU A 54 -1.83 20.66 -15.65
N VAL A 55 -1.30 19.51 -16.06
CA VAL A 55 -1.31 18.31 -15.21
C VAL A 55 0.08 17.90 -14.75
N LEU A 56 0.23 17.63 -13.45
CA LEU A 56 1.48 17.13 -12.90
C LEU A 56 1.36 15.67 -12.48
N PHE A 57 2.07 14.79 -13.17
CA PHE A 57 2.18 13.41 -12.75
C PHE A 57 3.23 13.32 -11.66
N VAL A 58 2.89 12.62 -10.58
CA VAL A 58 3.81 12.47 -9.47
C VAL A 58 4.07 11.00 -9.22
N GLY A 59 5.34 10.62 -9.28
CA GLY A 59 5.68 9.24 -9.03
C GLY A 59 6.05 9.12 -7.56
N MET A 60 6.22 7.88 -7.14
CA MET A 60 6.60 7.55 -5.78
C MET A 60 7.82 6.67 -5.94
N ASP A 61 8.11 6.46 -7.23
CA ASP A 61 8.61 5.21 -7.75
C ASP A 61 10.08 5.03 -8.18
N PRO A 62 11.06 5.43 -7.36
CA PRO A 62 12.36 5.20 -7.99
C PRO A 62 12.72 3.72 -7.98
N GLY A 63 12.98 3.17 -9.16
CA GLY A 63 13.31 1.77 -9.31
C GLY A 63 14.78 1.76 -9.60
N PRO A 64 15.45 0.60 -9.41
CA PRO A 64 16.90 0.61 -9.56
C PRO A 64 17.39 0.80 -10.99
N TRP A 65 16.59 0.40 -11.98
CA TRP A 65 17.01 0.50 -13.37
C TRP A 65 16.38 1.69 -14.08
N GLY A 66 15.65 2.51 -13.34
CA GLY A 66 15.01 3.68 -13.91
C GLY A 66 15.69 4.97 -13.51
N MET A 67 15.05 5.72 -12.62
CA MET A 67 15.57 7.01 -12.16
C MET A 67 16.92 6.84 -11.46
N ALA A 68 17.10 5.70 -10.81
CA ALA A 68 18.34 5.41 -10.10
C ALA A 68 19.54 5.37 -11.06
N GLN A 69 19.28 5.03 -12.32
CA GLN A 69 20.31 5.03 -13.34
C GLN A 69 20.41 6.38 -14.08
N THR A 70 19.25 6.98 -14.36
CA THR A 70 19.21 8.12 -15.28
C THR A 70 18.84 9.45 -14.65
N GLY A 71 18.32 9.41 -13.42
CA GLY A 71 17.94 10.64 -12.73
C GLY A 71 16.62 11.21 -13.21
N VAL A 72 15.98 10.51 -14.14
CA VAL A 72 14.70 10.92 -14.69
C VAL A 72 13.60 10.05 -14.09
N PRO A 73 12.51 10.67 -13.60
CA PRO A 73 11.42 9.89 -13.01
C PRO A 73 10.83 8.89 -13.99
N PHE A 74 10.74 7.62 -13.57
CA PHE A 74 10.34 6.52 -14.44
C PHE A 74 11.28 6.40 -15.62
N GLY A 75 12.51 6.87 -15.44
CA GLY A 75 13.43 7.06 -16.55
C GLY A 75 14.17 5.82 -17.02
N GLU A 76 13.49 4.99 -17.79
CA GLU A 76 14.17 3.89 -18.46
C GLU A 76 15.23 4.45 -19.40
N VAL A 77 16.40 3.80 -19.42
CA VAL A 77 17.54 4.29 -20.18
C VAL A 77 17.17 4.54 -21.65
N ALA A 78 16.48 3.57 -22.24
CA ALA A 78 16.15 3.60 -23.65
C ALA A 78 15.29 4.80 -24.02
N VAL A 79 14.22 5.03 -23.25
CA VAL A 79 13.32 6.13 -23.56
C VAL A 79 13.94 7.49 -23.20
N VAL A 80 14.79 7.53 -22.19
CA VAL A 80 15.44 8.76 -21.79
C VAL A 80 16.45 9.21 -22.86
N THR A 81 17.21 8.26 -23.38
CA THR A 81 18.21 8.58 -24.40
C THR A 81 17.59 8.78 -25.79
N GLU A 82 16.78 7.83 -26.23
CA GLU A 82 16.23 7.88 -27.59
C GLU A 82 15.13 8.93 -27.75
N TRP A 83 14.18 8.95 -26.83
CA TRP A 83 13.04 9.86 -26.96
C TRP A 83 13.29 11.24 -26.36
N LEU A 84 13.78 11.28 -25.13
CA LEU A 84 13.99 12.55 -24.45
C LEU A 84 15.31 13.19 -24.87
N GLY A 85 16.17 12.39 -25.50
CA GLY A 85 17.46 12.88 -25.97
C GLY A 85 18.32 13.40 -24.84
N ILE A 86 18.36 12.67 -23.73
CA ILE A 86 19.09 13.14 -22.56
C ILE A 86 20.36 12.33 -22.33
N ASN A 87 21.46 13.07 -22.24
CA ASN A 87 22.78 12.51 -21.94
C ASN A 87 23.29 13.15 -20.66
N GLY A 88 24.14 12.45 -19.92
CA GLY A 88 24.70 13.05 -18.73
C GLY A 88 25.75 12.25 -17.99
N THR A 89 26.42 12.94 -17.07
CA THR A 89 27.36 12.30 -16.16
C THR A 89 26.60 11.66 -15.02
N VAL A 90 26.75 10.34 -14.86
CA VAL A 90 26.16 9.65 -13.72
C VAL A 90 27.25 8.91 -12.98
N THR A 91 27.57 9.40 -11.78
CA THR A 91 28.59 8.76 -10.96
C THR A 91 27.92 7.79 -10.00
N ARG A 92 28.69 6.84 -9.51
CA ARG A 92 28.15 5.81 -8.63
C ARG A 92 27.98 6.36 -7.23
N PRO A 93 26.88 5.98 -6.55
CA PRO A 93 26.62 6.42 -5.18
C PRO A 93 27.72 5.91 -4.25
N ALA A 94 28.01 6.65 -3.20
CA ALA A 94 29.00 6.23 -2.21
C ALA A 94 28.57 4.89 -1.62
N GLY A 95 27.27 4.74 -1.40
CA GLY A 95 26.70 3.55 -0.82
C GLY A 95 26.23 2.51 -1.83
N GLU A 96 26.84 2.49 -3.00
CA GLU A 96 26.44 1.52 -4.04
C GLU A 96 26.53 0.08 -3.56
N HIS A 97 25.56 -0.73 -3.97
CA HIS A 97 25.55 -2.15 -3.67
C HIS A 97 25.83 -2.94 -4.94
N PRO A 98 26.61 -4.04 -4.82
CA PRO A 98 27.01 -4.86 -5.97
C PRO A 98 25.85 -5.40 -6.79
N LYS A 99 24.76 -5.78 -6.12
CA LYS A 99 23.60 -6.37 -6.80
C LYS A 99 22.78 -5.32 -7.55
N LYS A 100 23.00 -4.06 -7.21
CA LYS A 100 22.27 -2.96 -7.83
C LYS A 100 23.22 -1.85 -8.27
N ARG A 101 24.07 -2.15 -9.25
CA ARG A 101 25.07 -1.19 -9.67
C ARG A 101 24.45 -0.06 -10.48
N VAL A 102 25.00 1.14 -10.33
CA VAL A 102 24.55 2.30 -11.08
C VAL A 102 25.48 2.53 -12.26
N ASP A 103 25.10 2.00 -13.41
CA ASP A 103 25.92 2.10 -14.61
C ASP A 103 25.51 3.31 -15.44
N GLY A 104 24.49 4.03 -14.95
CA GLY A 104 24.02 5.22 -15.63
C GLY A 104 23.35 4.91 -16.95
N PHE A 105 23.78 5.58 -18.01
CA PHE A 105 23.20 5.37 -19.33
C PHE A 105 23.84 4.16 -20.01
N ALA A 106 24.89 3.63 -19.38
CA ALA A 106 25.51 2.38 -19.80
C ALA A 106 24.74 1.17 -19.29
N CYS A 107 23.75 1.41 -18.44
CA CYS A 107 22.96 0.35 -17.82
C CYS A 107 22.15 -0.42 -18.86
N ARG A 108 22.35 -1.74 -18.90
CA ARG A 108 21.69 -2.58 -19.87
C ARG A 108 20.33 -3.09 -19.40
N ARG A 109 20.04 -2.91 -18.12
CA ARG A 109 18.75 -3.31 -17.56
C ARG A 109 17.66 -2.32 -17.92
N SER A 110 16.45 -2.81 -18.13
CA SER A 110 15.33 -1.95 -18.51
C SER A 110 14.30 -1.82 -17.39
N GLU A 111 13.90 -0.59 -17.11
CA GLU A 111 12.83 -0.31 -16.14
C GLU A 111 11.49 -0.33 -16.85
N VAL A 112 10.78 -1.47 -16.78
CA VAL A 112 9.61 -1.69 -17.63
C VAL A 112 8.40 -0.89 -17.17
N SER A 113 8.35 -0.50 -15.90
CA SER A 113 7.31 0.42 -15.46
C SER A 113 7.50 1.76 -16.17
N GLY A 114 8.75 2.23 -16.19
CA GLY A 114 9.10 3.46 -16.88
C GLY A 114 8.92 3.32 -18.38
N ARG A 115 9.29 2.14 -18.89
CA ARG A 115 9.13 1.82 -20.30
C ARG A 115 7.67 1.90 -20.72
N ARG A 116 6.80 1.34 -19.89
CA ARG A 116 5.38 1.29 -20.17
C ARG A 116 4.78 2.69 -20.09
N LEU A 117 5.14 3.42 -19.03
CA LEU A 117 4.58 4.76 -18.82
C LEU A 117 4.99 5.74 -19.90
N TRP A 118 6.30 5.80 -20.15
CA TRP A 118 6.85 6.74 -21.13
C TRP A 118 6.54 6.30 -22.56
N GLY A 119 6.46 5.00 -22.79
CA GLY A 119 6.07 4.46 -24.08
C GLY A 119 4.64 4.83 -24.39
N PHE A 120 3.79 4.72 -23.36
CA PHE A 120 2.40 5.14 -23.45
C PHE A 120 2.32 6.61 -23.81
N ILE A 121 3.06 7.43 -23.06
CA ILE A 121 3.10 8.87 -23.30
C ILE A 121 3.55 9.20 -24.73
N ARG A 122 4.62 8.57 -25.18
CA ARG A 122 5.15 8.77 -26.54
C ARG A 122 4.16 8.33 -27.59
N GLU A 123 3.40 7.30 -27.28
CA GLU A 123 2.34 6.85 -28.16
C GLU A 123 1.29 7.93 -28.31
N ARG A 124 0.75 8.38 -27.18
CA ARG A 124 -0.27 9.41 -27.17
C ARG A 124 0.16 10.75 -27.80
N PHE A 125 1.40 11.17 -27.58
CA PHE A 125 1.82 12.53 -27.94
C PHE A 125 2.87 12.66 -29.04
N GLY A 126 3.55 11.58 -29.37
CA GLY A 126 4.53 11.58 -30.44
C GLY A 126 5.86 12.27 -30.13
N THR A 127 5.80 13.57 -29.88
CA THR A 127 7.01 14.34 -29.55
C THR A 127 6.94 14.85 -28.11
N PRO A 128 8.11 14.93 -27.44
CA PRO A 128 8.20 15.45 -26.08
C PRO A 128 7.58 16.84 -25.91
N GLU A 129 7.68 17.68 -26.95
CA GLU A 129 7.15 19.04 -26.86
C GLU A 129 5.64 19.07 -26.73
N ARG A 130 4.95 18.16 -27.41
CA ARG A 130 3.49 18.08 -27.32
C ARG A 130 3.05 17.70 -25.91
N PHE A 131 3.72 16.71 -25.33
CA PHE A 131 3.40 16.23 -23.99
C PHE A 131 3.73 17.26 -22.91
N PHE A 132 4.97 17.75 -22.92
CA PHE A 132 5.47 18.61 -21.86
C PHE A 132 4.92 20.04 -21.97
N ALA A 133 4.22 20.32 -23.06
CA ALA A 133 3.47 21.56 -23.18
C ALA A 133 2.45 21.69 -22.04
N ARG A 134 1.81 20.58 -21.70
CA ARG A 134 0.74 20.60 -20.71
C ARG A 134 1.07 19.74 -19.49
N PHE A 135 2.01 18.82 -19.65
CA PHE A 135 2.26 17.80 -18.62
C PHE A 135 3.69 17.84 -18.07
N PHE A 136 3.86 17.19 -16.93
CA PHE A 136 5.18 16.95 -16.36
C PHE A 136 5.15 15.70 -15.49
N VAL A 137 6.30 15.08 -15.30
CA VAL A 137 6.39 13.92 -14.43
C VAL A 137 7.44 14.19 -13.36
N ALA A 138 7.08 13.96 -12.10
CA ALA A 138 8.00 14.17 -10.99
C ALA A 138 8.00 12.98 -10.05
N ASN A 139 9.11 12.79 -9.33
CA ASN A 139 9.21 11.74 -8.34
C ASN A 139 9.08 12.32 -6.93
N TYR A 140 8.10 11.85 -6.17
CA TYR A 140 7.86 12.35 -4.82
C TYR A 140 9.03 12.07 -3.89
N CYS A 141 9.51 10.82 -3.91
CA CYS A 141 10.59 10.39 -3.02
C CYS A 141 11.65 9.67 -3.82
N PRO A 142 12.66 10.41 -4.30
CA PRO A 142 13.63 9.89 -5.25
C PRO A 142 14.78 9.08 -4.63
N LEU A 143 14.69 8.73 -3.36
CA LEU A 143 15.71 7.88 -2.74
C LEU A 143 15.46 6.41 -3.01
N LEU A 144 16.54 5.63 -3.16
CA LEU A 144 16.41 4.18 -3.25
C LEU A 144 16.93 3.55 -1.96
N PHE A 145 16.11 2.70 -1.35
CA PHE A 145 16.48 2.08 -0.08
C PHE A 145 16.77 0.60 -0.25
N LEU A 146 17.99 0.18 0.10
CA LEU A 146 18.39 -1.21 -0.07
C LEU A 146 18.86 -1.86 1.24
N THR A 147 18.59 -3.16 1.36
CA THR A 147 19.09 -3.97 2.46
C THR A 147 20.53 -4.40 2.16
N ALA A 148 21.16 -5.07 3.12
CA ALA A 148 22.51 -5.58 2.93
C ALA A 148 22.59 -6.56 1.77
N GLU A 149 21.48 -7.24 1.51
CA GLU A 149 21.41 -8.19 0.40
C GLU A 149 21.07 -7.49 -0.91
N GLY A 150 20.83 -6.17 -0.83
CA GLY A 150 20.51 -5.39 -2.00
C GLY A 150 19.03 -5.43 -2.37
N GLY A 151 18.20 -5.89 -1.44
CA GLY A 151 16.77 -5.91 -1.64
C GLY A 151 16.13 -4.55 -1.49
N ASN A 152 15.13 -4.27 -2.32
CA ASN A 152 14.46 -2.97 -2.30
C ASN A 152 13.59 -2.77 -1.05
N ILE A 153 13.70 -1.59 -0.46
CA ILE A 153 12.83 -1.20 0.64
C ILE A 153 11.99 0.01 0.26
N THR A 154 10.69 -0.07 0.51
CA THR A 154 9.80 1.04 0.21
C THR A 154 9.55 1.86 1.48
N PRO A 155 9.32 3.18 1.32
CA PRO A 155 9.21 4.12 2.44
C PRO A 155 8.19 3.75 3.51
N ASP A 156 7.15 3.01 3.15
CA ASP A 156 6.13 2.61 4.13
C ASP A 156 6.69 1.65 5.18
N LYS A 157 7.82 1.01 4.87
CA LYS A 157 8.43 0.05 5.79
C LYS A 157 9.41 0.73 6.75
N LEU A 158 9.60 2.03 6.57
CA LEU A 158 10.48 2.80 7.46
C LEU A 158 9.73 3.08 8.76
N ARG A 159 10.47 3.39 9.82
CA ARG A 159 9.82 3.73 11.08
C ARG A 159 9.33 5.17 11.03
N ARG A 160 8.32 5.49 11.84
CA ARG A 160 7.66 6.79 11.80
C ARG A 160 8.64 7.90 12.14
N GLY A 161 9.54 7.63 13.08
CA GLY A 161 10.54 8.60 13.49
C GLY A 161 11.44 9.00 12.33
N GLU A 162 11.77 8.04 11.47
CA GLU A 162 12.57 8.32 10.29
C GLU A 162 11.71 8.69 9.08
N GLN A 163 10.51 8.12 9.01
CA GLN A 163 9.60 8.36 7.90
C GLN A 163 9.11 9.80 7.87
N GLU A 164 8.93 10.38 9.05
CA GLU A 164 8.37 11.73 9.18
C GLU A 164 9.26 12.84 8.58
N PRO A 165 10.56 12.87 8.90
CA PRO A 165 11.36 13.93 8.24
C PRO A 165 11.49 13.71 6.73
N LEU A 166 11.60 12.46 6.32
CA LEU A 166 11.62 12.10 4.90
C LEU A 166 10.43 12.70 4.17
N PHE A 167 9.23 12.38 4.67
CA PHE A 167 8.01 12.87 4.05
C PHE A 167 7.85 14.37 4.24
N ALA A 168 8.48 14.93 5.26
CA ALA A 168 8.45 16.38 5.44
C ALA A 168 9.19 17.06 4.28
N ALA A 169 10.39 16.56 4.00
CA ALA A 169 11.21 17.12 2.94
C ALA A 169 10.55 16.91 1.58
N CYS A 170 10.09 15.67 1.32
CA CYS A 170 9.43 15.35 0.07
C CYS A 170 8.17 16.18 -0.14
N ASP A 171 7.34 16.30 0.90
CA ASP A 171 6.14 17.12 0.85
C ASP A 171 6.48 18.56 0.51
N LEU A 172 7.53 19.07 1.14
CA LEU A 172 7.97 20.44 0.88
C LEU A 172 8.34 20.63 -0.59
N ALA A 173 9.15 19.69 -1.10
CA ALA A 173 9.56 19.69 -2.50
C ALA A 173 8.35 19.68 -3.44
N LEU A 174 7.38 18.83 -3.14
CA LEU A 174 6.20 18.69 -3.99
C LEU A 174 5.35 19.95 -3.97
N ARG A 175 5.20 20.54 -2.79
CA ARG A 175 4.48 21.80 -2.65
C ARG A 175 5.14 22.89 -3.50
N ARG A 176 6.45 23.04 -3.38
CA ARG A 176 7.17 24.02 -4.18
C ARG A 176 7.00 23.76 -5.68
N THR A 177 7.05 22.49 -6.07
CA THR A 177 6.88 22.11 -7.47
C THR A 177 5.51 22.52 -7.99
N VAL A 178 4.47 22.25 -7.20
CA VAL A 178 3.11 22.60 -7.57
C VAL A 178 2.94 24.12 -7.67
N VAL A 179 3.48 24.83 -6.69
CA VAL A 179 3.46 26.29 -6.71
C VAL A 179 4.10 26.84 -7.98
N LEU A 180 5.23 26.26 -8.38
CA LEU A 180 5.96 26.74 -9.54
C LEU A 180 5.27 26.42 -10.87
N LEU A 181 4.81 25.17 -11.02
CA LEU A 181 4.26 24.74 -12.29
C LEU A 181 2.79 25.15 -12.47
N ARG A 182 2.13 25.45 -11.36
CA ARG A 182 0.73 25.86 -11.35
C ARG A 182 -0.20 24.89 -12.08
N PRO A 183 -0.20 23.60 -11.67
CA PRO A 183 -1.03 22.64 -12.40
C PRO A 183 -2.50 22.69 -11.95
N ARG A 184 -3.40 22.34 -12.87
CA ARG A 184 -4.82 22.24 -12.53
C ARG A 184 -5.08 20.95 -11.77
N VAL A 185 -4.36 19.90 -12.15
CA VAL A 185 -4.54 18.58 -11.55
C VAL A 185 -3.19 17.97 -11.18
N VAL A 186 -3.15 17.30 -10.04
CA VAL A 186 -1.97 16.55 -9.64
C VAL A 186 -2.35 15.07 -9.58
N ILE A 187 -1.71 14.28 -10.43
CA ILE A 187 -2.08 12.88 -10.58
C ILE A 187 -1.00 11.97 -10.04
N GLY A 188 -1.33 11.24 -8.98
CA GLY A 188 -0.41 10.29 -8.39
C GLY A 188 -0.29 9.04 -9.24
N VAL A 189 0.91 8.50 -9.37
CA VAL A 189 1.08 7.25 -10.08
C VAL A 189 1.04 6.12 -9.06
N GLY A 190 -0.14 5.50 -8.96
CA GLY A 190 -0.42 4.56 -7.90
C GLY A 190 -1.11 5.26 -6.74
N ALA A 191 -1.78 4.49 -5.90
CA ALA A 191 -2.60 5.04 -4.82
C ALA A 191 -1.74 5.64 -3.71
N PHE A 192 -0.56 5.08 -3.54
CA PHE A 192 0.37 5.49 -2.49
C PHE A 192 0.91 6.89 -2.80
N ALA A 193 1.31 7.10 -4.06
CA ALA A 193 1.72 8.42 -4.54
C ALA A 193 0.58 9.43 -4.37
N GLU A 194 -0.64 9.03 -4.71
CA GLU A 194 -1.80 9.91 -4.58
C GLU A 194 -2.03 10.31 -3.14
N ALA A 195 -1.86 9.36 -2.22
CA ALA A 195 -2.02 9.60 -0.79
C ALA A 195 -1.03 10.65 -0.33
N ARG A 196 0.23 10.49 -0.71
CA ARG A 196 1.24 11.49 -0.37
C ARG A 196 0.95 12.88 -0.98
N CYS A 197 0.42 12.91 -2.20
CA CYS A 197 0.03 14.16 -2.87
C CYS A 197 -1.03 14.91 -2.07
N HIS A 198 -2.07 14.14 -1.77
CA HIS A 198 -3.13 14.46 -0.82
C HIS A 198 -2.66 15.04 0.48
N GLU A 199 -1.80 14.40 1.26
CA GLU A 199 -1.32 15.07 2.47
C GLU A 199 -0.46 16.36 2.20
N ALA A 200 0.50 16.23 1.30
CA ALA A 200 1.39 17.34 0.98
C ALA A 200 0.62 18.57 0.49
N LEU A 201 -0.37 18.34 -0.36
CA LEU A 201 -1.09 19.42 -1.03
C LEU A 201 -2.44 19.70 -0.36
N GLU A 202 -2.47 19.54 0.97
CA GLU A 202 -3.69 19.67 1.76
C GLU A 202 -4.51 20.95 1.57
N GLY A 203 -3.89 22.11 1.76
CA GLY A 203 -4.59 23.38 1.65
C GLY A 203 -4.63 23.97 0.25
N PHE A 204 -4.19 23.19 -0.74
CA PHE A 204 -4.07 23.68 -2.10
C PHE A 204 -5.37 23.61 -2.90
N ASP A 205 -5.57 24.59 -3.79
CA ASP A 205 -6.73 24.62 -4.67
C ASP A 205 -6.32 23.92 -5.96
N VAL A 206 -6.25 22.60 -5.88
CA VAL A 206 -5.79 21.78 -6.99
C VAL A 206 -6.52 20.44 -6.91
N GLU A 207 -6.75 19.83 -8.06
CA GLU A 207 -7.43 18.55 -8.10
C GLU A 207 -6.41 17.44 -8.02
N VAL A 208 -6.60 16.56 -7.04
CA VAL A 208 -5.71 15.41 -6.95
C VAL A 208 -6.43 14.14 -7.39
N GLY A 209 -5.72 13.31 -8.13
CA GLY A 209 -6.27 12.07 -8.66
C GLY A 209 -5.16 11.07 -8.84
N ARG A 210 -5.44 9.97 -9.53
CA ARG A 210 -4.42 8.97 -9.76
C ARG A 210 -4.68 8.16 -11.02
N ILE A 211 -3.61 7.62 -11.61
CA ILE A 211 -3.75 6.58 -12.62
C ILE A 211 -3.16 5.28 -12.06
N ILE A 212 -3.60 4.16 -12.60
CA ILE A 212 -3.12 2.86 -12.17
C ILE A 212 -1.61 2.73 -12.42
N HIS A 213 -0.89 2.20 -11.43
CA HIS A 213 0.57 2.03 -11.55
C HIS A 213 0.82 1.00 -12.66
N PRO A 214 1.83 1.26 -13.51
CA PRO A 214 2.07 0.48 -14.75
C PRO A 214 2.59 -0.99 -14.79
N SER A 215 3.04 -1.68 -13.74
CA SER A 215 3.20 -1.19 -12.39
C SER A 215 4.65 -1.33 -11.94
N ASP A 224 -6.69 -4.01 -18.70
CA ASP A 224 -5.92 -3.34 -19.75
C ASP A 224 -5.37 -2.02 -19.21
N TRP A 225 -4.07 -2.01 -18.90
CA TRP A 225 -3.45 -0.87 -18.24
C TRP A 225 -3.73 0.47 -18.93
N ALA A 226 -3.48 0.51 -20.23
CA ALA A 226 -3.61 1.74 -20.99
C ALA A 226 -5.07 2.19 -21.00
N GLY A 227 -5.98 1.23 -21.13
CA GLY A 227 -7.40 1.54 -21.11
C GLY A 227 -7.88 2.08 -19.77
N THR A 228 -7.42 1.45 -18.69
CA THR A 228 -7.77 1.88 -17.34
C THR A 228 -7.25 3.29 -17.09
N ALA A 229 -5.97 3.48 -17.35
CA ALA A 229 -5.33 4.79 -17.25
C ALA A 229 -6.09 5.84 -18.05
N LEU A 230 -6.46 5.50 -19.28
CA LEU A 230 -7.24 6.41 -20.13
C LEU A 230 -8.58 6.79 -19.50
N ARG A 231 -9.28 5.80 -18.95
CA ARG A 231 -10.55 6.08 -18.30
C ARG A 231 -10.37 7.01 -17.10
N GLN A 232 -9.40 6.68 -16.25
CA GLN A 232 -9.08 7.50 -15.08
C GLN A 232 -8.73 8.94 -15.47
N LEU A 233 -7.96 9.09 -16.55
CA LEU A 233 -7.57 10.41 -17.04
C LEU A 233 -8.80 11.17 -17.53
N ALA A 234 -9.65 10.49 -18.29
CA ALA A 234 -10.90 11.05 -18.76
C ALA A 234 -11.78 11.54 -17.60
N GLU A 235 -11.82 10.75 -16.53
CA GLU A 235 -12.62 11.09 -15.35
C GLU A 235 -12.05 12.31 -14.62
N LEU A 236 -10.74 12.51 -14.74
CA LEU A 236 -10.11 13.69 -14.16
C LEU A 236 -10.22 14.87 -15.10
N GLY A 237 -10.89 14.68 -16.23
CA GLY A 237 -11.12 15.73 -17.19
C GLY A 237 -9.87 16.19 -17.90
N VAL A 238 -8.97 15.28 -18.18
CA VAL A 238 -7.77 15.61 -18.95
C VAL A 238 -7.78 14.86 -20.29
N ASP A 239 -7.63 15.62 -21.37
CA ASP A 239 -7.50 15.04 -22.70
C ASP A 239 -6.09 14.50 -22.88
N PHE A 240 -5.99 13.23 -23.25
CA PHE A 240 -4.69 12.58 -23.37
C PHE A 240 -4.48 12.01 -24.77
N THR B 5 8.01 -14.02 0.46
CA THR B 5 7.26 -15.26 0.53
C THR B 5 6.63 -15.45 1.91
N GLY B 6 6.48 -14.36 2.65
CA GLY B 6 5.90 -14.41 3.98
C GLY B 6 4.48 -13.86 4.00
N LEU B 7 3.88 -13.84 5.18
CA LEU B 7 2.53 -13.30 5.35
C LEU B 7 2.49 -11.80 5.08
N ALA B 8 3.57 -11.12 5.44
CA ALA B 8 3.65 -9.66 5.32
C ALA B 8 3.58 -9.22 3.87
N ALA B 9 4.17 -10.00 2.98
CA ALA B 9 4.13 -9.70 1.56
C ALA B 9 2.69 -9.80 1.03
N ILE B 10 1.98 -10.83 1.51
CA ILE B 10 0.60 -11.04 1.14
C ILE B 10 -0.29 -9.88 1.62
N SER B 11 -0.10 -9.48 2.87
CA SER B 11 -0.88 -8.39 3.46
C SER B 11 -0.58 -7.05 2.78
N ASP B 12 0.69 -6.81 2.47
CA ASP B 12 1.09 -5.59 1.77
C ASP B 12 0.50 -5.53 0.37
N ALA B 13 0.60 -6.65 -0.35
CA ALA B 13 0.01 -6.76 -1.68
C ALA B 13 -1.49 -6.51 -1.65
N LEU B 14 -2.16 -7.09 -0.66
CA LEU B 14 -3.59 -6.89 -0.51
C LEU B 14 -3.91 -5.43 -0.21
N ALA B 15 -3.08 -4.80 0.63
CA ALA B 15 -3.26 -3.40 0.96
C ALA B 15 -3.16 -2.52 -0.28
N ALA B 16 -2.16 -2.80 -1.10
CA ALA B 16 -1.96 -2.07 -2.35
C ALA B 16 -3.15 -2.27 -3.29
N ASP B 17 -3.62 -3.51 -3.40
CA ASP B 17 -4.77 -3.82 -4.24
C ASP B 17 -6.02 -3.07 -3.80
N LEU B 18 -6.28 -3.06 -2.49
CA LEU B 18 -7.44 -2.38 -1.95
C LEU B 18 -7.35 -0.86 -2.10
N ALA B 19 -6.14 -0.34 -1.96
CA ALA B 19 -5.91 1.11 -2.05
C ALA B 19 -6.23 1.65 -3.44
N GLY B 20 -6.11 0.79 -4.46
CA GLY B 20 -6.36 1.20 -5.83
C GLY B 20 -7.80 1.01 -6.27
N LEU B 21 -8.66 0.59 -5.34
CA LEU B 21 -10.07 0.39 -5.65
C LEU B 21 -10.88 1.66 -5.37
N SER B 22 -12.01 1.78 -6.05
CA SER B 22 -12.90 2.92 -5.84
C SER B 22 -14.29 2.46 -5.38
N PHE B 23 -14.91 3.26 -4.53
CA PHE B 23 -16.24 2.94 -4.02
C PHE B 23 -17.15 4.17 -4.08
N SER B 24 -18.41 3.95 -4.47
CA SER B 24 -19.34 5.05 -4.68
C SER B 24 -20.32 5.21 -3.53
N SER B 25 -21.27 6.13 -3.70
CA SER B 25 -22.35 6.33 -2.74
C SER B 25 -23.09 5.02 -2.48
N PRO B 26 -23.44 4.75 -1.22
CA PRO B 26 -23.35 5.67 -0.08
C PRO B 26 -22.02 5.60 0.68
N VAL B 27 -21.03 4.89 0.16
CA VAL B 27 -19.73 4.82 0.81
C VAL B 27 -19.06 6.19 0.78
N ALA B 28 -18.83 6.74 1.96
CA ALA B 28 -18.18 8.04 2.08
C ALA B 28 -16.79 7.91 2.68
N HIS B 29 -16.59 6.85 3.46
CA HIS B 29 -15.31 6.66 4.15
C HIS B 29 -14.81 5.23 4.03
N VAL B 30 -13.51 5.08 3.80
CA VAL B 30 -12.89 3.77 3.72
C VAL B 30 -11.65 3.69 4.60
N TYR B 31 -11.66 2.78 5.57
CA TYR B 31 -10.51 2.57 6.44
C TYR B 31 -9.69 1.38 5.94
N ASN B 32 -8.39 1.58 5.76
CA ASN B 32 -7.49 0.51 5.34
C ASN B 32 -6.38 0.29 6.35
N PRO B 33 -6.67 -0.48 7.42
CA PRO B 33 -5.73 -0.71 8.53
C PRO B 33 -4.45 -1.42 8.10
N LEU B 34 -4.48 -2.10 6.97
CA LEU B 34 -3.27 -2.74 6.45
C LEU B 34 -2.21 -1.69 6.11
N LEU B 35 -2.65 -0.47 5.83
CA LEU B 35 -1.74 0.64 5.60
C LEU B 35 -1.37 1.38 6.88
N TYR B 36 -2.37 1.95 7.55
CA TYR B 36 -2.10 2.84 8.67
C TYR B 36 -1.81 2.10 9.98
N ALA B 37 -2.10 0.81 10.00
CA ALA B 37 -1.79 -0.02 11.17
C ALA B 37 -0.95 -1.22 10.74
N ARG B 38 -0.11 -1.01 9.73
CA ARG B 38 0.76 -2.06 9.20
C ARG B 38 1.70 -2.64 10.25
N GLU B 39 2.21 -1.80 11.15
CA GLU B 39 3.24 -2.23 12.10
C GLU B 39 2.69 -3.25 13.11
N PRO B 40 1.57 -2.95 13.80
CA PRO B 40 1.05 -3.99 14.69
C PRO B 40 0.54 -5.23 13.93
N HIS B 41 0.00 -5.02 12.74
CA HIS B 41 -0.49 -6.13 11.92
C HIS B 41 0.64 -7.10 11.58
N VAL B 42 1.77 -6.54 11.19
CA VAL B 42 2.94 -7.31 10.79
C VAL B 42 3.59 -7.94 12.02
N ALA B 43 3.48 -7.24 13.15
CA ALA B 43 3.88 -7.82 14.44
C ALA B 43 3.08 -9.10 14.68
N TYR B 44 1.77 -9.01 14.50
CA TYR B 44 0.87 -10.16 14.61
C TYR B 44 1.27 -11.30 13.66
N LEU B 45 1.46 -10.98 12.39
CA LEU B 45 1.80 -11.98 11.38
C LEU B 45 3.13 -12.68 11.70
N SER B 46 4.10 -11.90 12.17
CA SER B 46 5.44 -12.41 12.41
C SER B 46 5.51 -13.26 13.68
N ARG B 47 4.87 -12.78 14.75
CA ARG B 47 4.91 -13.46 16.03
C ARG B 47 4.01 -14.69 16.08
N PHE B 48 2.85 -14.62 15.44
CA PHE B 48 1.84 -15.67 15.63
C PHE B 48 1.45 -16.41 14.35
N GLY B 49 2.00 -15.98 13.21
CA GLY B 49 1.59 -16.54 11.93
C GLY B 49 2.59 -17.49 11.29
N SER B 50 3.54 -17.99 12.06
CA SER B 50 4.56 -18.89 11.52
C SER B 50 3.94 -20.18 10.96
N PRO B 51 4.28 -20.49 9.71
CA PRO B 51 3.85 -21.75 9.08
C PRO B 51 4.55 -22.94 9.71
N PRO B 52 3.92 -24.13 9.61
CA PRO B 52 2.62 -24.27 8.96
C PRO B 52 1.46 -24.14 9.95
N LYS B 53 0.30 -23.73 9.45
CA LYS B 53 -0.90 -23.81 10.28
C LYS B 53 -1.70 -24.97 9.78
N GLU B 54 -2.44 -25.56 10.70
CA GLU B 54 -3.36 -26.63 10.40
C GLU B 54 -4.76 -26.12 10.11
N VAL B 55 -5.32 -25.31 10.99
CA VAL B 55 -6.65 -24.73 10.76
C VAL B 55 -6.52 -23.23 10.62
N LEU B 56 -7.11 -22.69 9.56
CA LEU B 56 -7.15 -21.25 9.33
C LEU B 56 -8.57 -20.69 9.47
N PHE B 57 -8.78 -19.85 10.48
CA PHE B 57 -10.04 -19.14 10.64
C PHE B 57 -10.09 -17.91 9.75
N VAL B 58 -11.17 -17.76 8.99
CA VAL B 58 -11.33 -16.58 8.14
C VAL B 58 -12.63 -15.87 8.45
N GLY B 59 -12.52 -14.60 8.83
CA GLY B 59 -13.69 -13.80 9.12
C GLY B 59 -13.43 -12.35 8.79
N MET B 60 -14.44 -11.51 8.98
CA MET B 60 -14.23 -10.08 8.85
C MET B 60 -14.72 -9.41 10.12
N ASP B 61 -14.23 -8.20 10.36
CA ASP B 61 -14.57 -7.50 11.58
C ASP B 61 -15.86 -6.74 11.37
N PRO B 62 -16.86 -6.99 12.22
CA PRO B 62 -18.15 -6.34 12.04
C PRO B 62 -18.06 -4.87 12.44
N GLY B 63 -17.30 -4.59 13.50
CA GLY B 63 -17.16 -3.25 14.04
C GLY B 63 -15.81 -2.59 13.85
N PRO B 64 -15.77 -1.26 14.04
CA PRO B 64 -14.65 -0.32 13.93
C PRO B 64 -13.60 -0.44 15.04
N TRP B 65 -13.94 -1.10 16.15
CA TRP B 65 -13.06 -1.12 17.31
C TRP B 65 -12.14 -2.33 17.38
N GLY B 66 -12.10 -3.12 16.30
CA GLY B 66 -11.23 -4.29 16.28
C GLY B 66 -9.99 -4.06 15.44
N MET B 67 -9.95 -4.68 14.28
CA MET B 67 -8.79 -4.58 13.39
C MET B 67 -8.52 -3.15 12.91
N ALA B 68 -9.60 -2.36 12.79
CA ALA B 68 -9.49 -0.98 12.35
C ALA B 68 -8.64 -0.15 13.32
N GLN B 69 -8.62 -0.56 14.58
CA GLN B 69 -7.77 0.09 15.58
C GLN B 69 -6.38 -0.53 15.69
N THR B 70 -6.30 -1.86 15.62
CA THR B 70 -5.06 -2.56 15.96
C THR B 70 -4.38 -3.28 14.80
N GLY B 71 -5.09 -3.47 13.69
CA GLY B 71 -4.52 -4.16 12.56
C GLY B 71 -4.55 -5.67 12.72
N VAL B 72 -5.11 -6.13 13.83
CA VAL B 72 -5.22 -7.56 14.12
C VAL B 72 -6.67 -8.00 13.87
N PRO B 73 -6.85 -9.10 13.12
CA PRO B 73 -8.21 -9.57 12.82
C PRO B 73 -9.00 -9.88 14.08
N PHE B 74 -10.20 -9.31 14.19
CA PHE B 74 -11.04 -9.37 15.38
C PHE B 74 -10.29 -8.77 16.57
N GLY B 75 -9.30 -7.93 16.29
CA GLY B 75 -8.37 -7.48 17.31
C GLY B 75 -8.81 -6.29 18.13
N GLU B 76 -9.71 -6.55 19.08
CA GLU B 76 -10.06 -5.54 20.07
C GLU B 76 -8.81 -5.20 20.87
N VAL B 77 -8.64 -3.93 21.20
CA VAL B 77 -7.42 -3.43 21.85
C VAL B 77 -6.99 -4.23 23.07
N ALA B 78 -7.94 -4.55 23.95
CA ALA B 78 -7.64 -5.18 25.22
C ALA B 78 -6.95 -6.54 25.05
N VAL B 79 -7.49 -7.39 24.18
CA VAL B 79 -6.92 -8.71 23.97
C VAL B 79 -5.60 -8.65 23.18
N VAL B 80 -5.48 -7.67 22.30
CA VAL B 80 -4.26 -7.52 21.50
C VAL B 80 -3.10 -7.08 22.39
N THR B 81 -3.36 -6.15 23.30
CA THR B 81 -2.32 -5.65 24.20
C THR B 81 -2.02 -6.62 25.34
N GLU B 82 -3.05 -7.05 26.04
CA GLU B 82 -2.87 -7.89 27.23
C GLU B 82 -2.50 -9.34 26.92
N TRP B 83 -3.20 -9.96 25.98
CA TRP B 83 -2.96 -11.38 25.69
C TRP B 83 -1.86 -11.58 24.65
N LEU B 84 -1.97 -10.88 23.53
CA LEU B 84 -1.00 -11.03 22.43
C LEU B 84 0.25 -10.19 22.65
N GLY B 85 0.16 -9.21 23.56
CA GLY B 85 1.27 -8.34 23.87
C GLY B 85 1.77 -7.54 22.68
N ILE B 86 0.83 -7.02 21.89
CA ILE B 86 1.20 -6.30 20.68
C ILE B 86 0.92 -4.81 20.79
N ASN B 87 1.96 -4.01 20.60
CA ASN B 87 1.86 -2.57 20.53
C ASN B 87 2.44 -2.12 19.19
N GLY B 88 2.01 -0.98 18.69
CA GLY B 88 2.53 -0.51 17.41
C GLY B 88 2.10 0.88 17.01
N THR B 89 2.71 1.39 15.95
CA THR B 89 2.31 2.67 15.38
C THR B 89 1.04 2.52 14.58
N VAL B 90 0.01 3.24 15.01
CA VAL B 90 -1.25 3.30 14.27
C VAL B 90 -1.56 4.76 13.95
N THR B 91 -1.47 5.11 12.68
CA THR B 91 -1.76 6.48 12.25
C THR B 91 -3.21 6.57 11.81
N ARG B 92 -3.77 7.77 11.84
CA ARG B 92 -5.17 7.95 11.49
C ARG B 92 -5.35 7.96 9.98
N PRO B 93 -6.41 7.29 9.50
CA PRO B 93 -6.73 7.30 8.06
C PRO B 93 -7.12 8.70 7.60
N ALA B 94 -6.82 9.02 6.36
CA ALA B 94 -7.20 10.32 5.79
C ALA B 94 -8.71 10.51 5.79
N GLY B 95 -9.43 9.43 5.51
CA GLY B 95 -10.88 9.49 5.43
C GLY B 95 -11.57 9.14 6.73
N GLU B 96 -10.88 9.38 7.84
CA GLU B 96 -11.44 9.12 9.17
C GLU B 96 -12.72 9.90 9.41
N HIS B 97 -13.68 9.27 10.10
CA HIS B 97 -14.91 9.93 10.47
C HIS B 97 -14.88 10.22 11.97
N PRO B 98 -15.40 11.40 12.37
CA PRO B 98 -15.37 11.82 13.77
C PRO B 98 -16.06 10.85 14.73
N LYS B 99 -17.16 10.23 14.28
CA LYS B 99 -17.92 9.33 15.14
C LYS B 99 -17.23 7.97 15.28
N LYS B 100 -16.31 7.67 14.38
CA LYS B 100 -15.59 6.40 14.43
C LYS B 100 -14.08 6.60 14.24
N ARG B 101 -13.47 7.28 15.19
CA ARG B 101 -12.05 7.63 15.10
C ARG B 101 -11.14 6.44 15.35
N VAL B 102 -9.97 6.47 14.72
CA VAL B 102 -8.97 5.43 14.91
C VAL B 102 -7.93 5.89 15.92
N ASP B 103 -8.13 5.52 17.18
CA ASP B 103 -7.25 5.92 18.27
C ASP B 103 -6.16 4.89 18.51
N GLY B 104 -6.20 3.81 17.74
CA GLY B 104 -5.20 2.77 17.84
C GLY B 104 -5.32 2.00 19.14
N PHE B 105 -4.20 1.88 19.84
CA PHE B 105 -4.16 1.15 21.10
C PHE B 105 -4.64 2.00 22.27
N ALA B 106 -4.87 3.28 22.00
CA ALA B 106 -5.50 4.16 22.98
C ALA B 106 -7.00 3.96 23.00
N CYS B 107 -7.52 3.23 22.00
CA CYS B 107 -8.95 2.99 21.90
C CYS B 107 -9.45 2.09 23.02
N ARG B 108 -10.36 2.62 23.83
CA ARG B 108 -10.93 1.87 24.96
C ARG B 108 -12.24 1.18 24.58
N ARG B 109 -12.72 1.46 23.37
CA ARG B 109 -13.97 0.87 22.89
C ARG B 109 -13.76 -0.61 22.63
N SER B 110 -14.81 -1.39 22.83
CA SER B 110 -14.70 -2.84 22.71
C SER B 110 -15.37 -3.39 21.47
N GLU B 111 -14.62 -4.23 20.75
CA GLU B 111 -15.13 -4.96 19.60
C GLU B 111 -15.71 -6.26 20.14
N VAL B 112 -17.02 -6.30 20.33
CA VAL B 112 -17.60 -7.36 21.15
C VAL B 112 -17.63 -8.74 20.47
N SER B 113 -17.71 -8.77 19.14
CA SER B 113 -17.55 -10.02 18.42
C SER B 113 -16.12 -10.52 18.54
N GLY B 114 -15.16 -9.60 18.37
CA GLY B 114 -13.76 -9.93 18.51
C GLY B 114 -13.43 -10.32 19.94
N ARG B 115 -14.04 -9.59 20.86
CA ARG B 115 -13.89 -9.87 22.29
C ARG B 115 -14.35 -11.28 22.58
N ARG B 116 -15.49 -11.63 22.00
CA ARG B 116 -16.07 -12.96 22.18
C ARG B 116 -15.22 -14.06 21.55
N LEU B 117 -14.78 -13.84 20.33
CA LEU B 117 -14.02 -14.84 19.59
C LEU B 117 -12.67 -15.11 20.26
N TRP B 118 -11.94 -14.03 20.54
CA TRP B 118 -10.63 -14.15 21.16
C TRP B 118 -10.74 -14.60 22.61
N GLY B 119 -11.82 -14.23 23.27
CA GLY B 119 -12.06 -14.70 24.62
C GLY B 119 -12.25 -16.21 24.61
N PHE B 120 -13.03 -16.68 23.62
CA PHE B 120 -13.26 -18.10 23.41
C PHE B 120 -11.95 -18.84 23.15
N ILE B 121 -11.16 -18.34 22.20
CA ILE B 121 -9.86 -18.91 21.87
C ILE B 121 -8.88 -18.96 23.04
N ARG B 122 -8.74 -17.83 23.71
CA ARG B 122 -7.89 -17.73 24.88
C ARG B 122 -8.27 -18.65 25.99
N GLU B 123 -9.57 -18.79 26.15
CA GLU B 123 -10.14 -19.64 27.17
C GLU B 123 -9.85 -21.11 26.88
N ARG B 124 -10.18 -21.56 25.69
CA ARG B 124 -9.82 -22.93 25.31
C ARG B 124 -8.33 -23.24 25.38
N PHE B 125 -7.49 -22.25 25.04
CA PHE B 125 -6.07 -22.53 24.85
C PHE B 125 -5.12 -21.88 25.85
N GLY B 126 -5.62 -20.90 26.61
CA GLY B 126 -4.81 -20.28 27.65
C GLY B 126 -3.74 -19.33 27.15
N THR B 127 -2.78 -19.86 26.40
CA THR B 127 -1.70 -19.06 25.86
C THR B 127 -1.77 -18.97 24.35
N PRO B 128 -1.35 -17.81 23.78
CA PRO B 128 -1.29 -17.64 22.33
C PRO B 128 -0.46 -18.74 21.67
N GLU B 129 0.56 -19.22 22.37
CA GLU B 129 1.45 -20.24 21.83
C GLU B 129 0.73 -21.58 21.61
N ARG B 130 -0.17 -21.92 22.52
CA ARG B 130 -0.95 -23.15 22.39
C ARG B 130 -1.86 -23.11 21.18
N PHE B 131 -2.54 -21.98 21.00
CA PHE B 131 -3.48 -21.78 19.90
C PHE B 131 -2.76 -21.70 18.55
N PHE B 132 -1.80 -20.80 18.45
CA PHE B 132 -1.15 -20.49 17.18
C PHE B 132 -0.16 -21.56 16.75
N ALA B 133 0.08 -22.53 17.62
CA ALA B 133 0.82 -23.73 17.26
C ALA B 133 0.11 -24.44 16.11
N ARG B 134 -1.22 -24.45 16.16
CA ARG B 134 -2.04 -25.18 15.20
C ARG B 134 -2.95 -24.27 14.40
N PHE B 135 -3.22 -23.07 14.93
CA PHE B 135 -4.25 -22.21 14.36
C PHE B 135 -3.73 -20.83 13.93
N PHE B 136 -4.54 -20.14 13.13
CA PHE B 136 -4.30 -18.75 12.77
C PHE B 136 -5.63 -18.08 12.46
N VAL B 137 -5.68 -16.75 12.61
CA VAL B 137 -6.88 -15.99 12.28
C VAL B 137 -6.56 -14.91 11.26
N ALA B 138 -7.37 -14.82 10.22
CA ALA B 138 -7.16 -13.81 9.18
C ALA B 138 -8.44 -13.07 8.83
N ASN B 139 -8.29 -11.86 8.31
CA ASN B 139 -9.43 -11.07 7.86
C ASN B 139 -9.52 -11.12 6.34
N TYR B 140 -10.66 -11.59 5.84
CA TYR B 140 -10.86 -11.70 4.40
C TYR B 140 -10.83 -10.33 3.73
N CYS B 141 -11.60 -9.39 4.27
CA CYS B 141 -11.70 -8.05 3.73
C CYS B 141 -11.56 -7.02 4.85
N PRO B 142 -10.33 -6.57 5.10
CA PRO B 142 -10.02 -5.74 6.27
C PRO B 142 -10.35 -4.26 6.09
N LEU B 143 -11.09 -3.90 5.04
CA LEU B 143 -11.52 -2.52 4.87
C LEU B 143 -12.74 -2.22 5.72
N LEU B 144 -12.83 -0.99 6.21
CA LEU B 144 -14.05 -0.54 6.88
C LEU B 144 -14.79 0.44 5.99
N PHE B 145 -16.07 0.19 5.75
CA PHE B 145 -16.87 1.03 4.88
C PHE B 145 -17.87 1.83 5.71
N LEU B 146 -17.78 3.16 5.65
CA LEU B 146 -18.67 4.02 6.42
C LEU B 146 -19.43 5.01 5.54
N THR B 147 -20.65 5.33 5.97
CA THR B 147 -21.45 6.36 5.32
C THR B 147 -20.98 7.74 5.77
N ALA B 148 -21.54 8.78 5.16
CA ALA B 148 -21.23 10.15 5.53
C ALA B 148 -21.57 10.42 6.99
N GLU B 149 -22.57 9.70 7.49
CA GLU B 149 -23.00 9.82 8.87
C GLU B 149 -22.13 8.96 9.79
N GLY B 150 -21.21 8.21 9.19
CA GLY B 150 -20.33 7.35 9.93
C GLY B 150 -20.94 6.00 10.23
N GLY B 151 -22.04 5.68 9.54
CA GLY B 151 -22.70 4.40 9.70
C GLY B 151 -21.94 3.31 8.96
N ASN B 152 -21.89 2.12 9.53
CA ASN B 152 -21.17 1.01 8.95
C ASN B 152 -21.82 0.45 7.69
N ILE B 153 -21.00 0.20 6.67
CA ILE B 153 -21.45 -0.50 5.48
C ILE B 153 -20.67 -1.80 5.31
N THR B 154 -21.39 -2.89 5.09
CA THR B 154 -20.75 -4.18 4.87
C THR B 154 -20.67 -4.45 3.37
N PRO B 155 -19.63 -5.19 2.93
CA PRO B 155 -19.36 -5.41 1.51
C PRO B 155 -20.55 -5.95 0.70
N ASP B 156 -21.47 -6.67 1.33
CA ASP B 156 -22.63 -7.19 0.62
C ASP B 156 -23.56 -6.07 0.16
N LYS B 157 -23.44 -4.90 0.77
CA LYS B 157 -24.29 -3.76 0.44
C LYS B 157 -23.68 -2.88 -0.66
N LEU B 158 -22.50 -3.26 -1.13
CA LEU B 158 -21.82 -2.53 -2.20
C LEU B 158 -22.43 -2.84 -3.56
N ARG B 159 -22.11 -2.02 -4.55
CA ARG B 159 -22.61 -2.27 -5.90
C ARG B 159 -21.81 -3.42 -6.48
N ARG B 160 -22.41 -4.16 -7.41
CA ARG B 160 -21.79 -5.38 -7.91
C ARG B 160 -20.50 -5.07 -8.65
N GLY B 161 -20.54 -3.99 -9.44
CA GLY B 161 -19.40 -3.53 -10.22
C GLY B 161 -18.20 -3.18 -9.36
N GLU B 162 -18.46 -2.62 -8.18
CA GLU B 162 -17.40 -2.28 -7.25
C GLU B 162 -17.06 -3.45 -6.34
N GLN B 163 -18.07 -4.27 -6.05
CA GLN B 163 -17.90 -5.43 -5.18
C GLN B 163 -17.00 -6.50 -5.79
N GLU B 164 -17.06 -6.65 -7.11
CA GLU B 164 -16.33 -7.71 -7.80
C GLU B 164 -14.79 -7.59 -7.72
N PRO B 165 -14.22 -6.40 -8.01
CA PRO B 165 -12.76 -6.31 -7.88
C PRO B 165 -12.29 -6.44 -6.43
N LEU B 166 -13.08 -5.90 -5.50
CA LEU B 166 -12.83 -6.04 -4.08
C LEU B 166 -12.62 -7.52 -3.71
N PHE B 167 -13.61 -8.32 -4.09
CA PHE B 167 -13.58 -9.75 -3.80
C PHE B 167 -12.50 -10.45 -4.60
N ALA B 168 -12.12 -9.90 -5.75
CA ALA B 168 -11.03 -10.47 -6.53
C ALA B 168 -9.72 -10.36 -5.76
N ALA B 169 -9.45 -9.15 -5.27
CA ALA B 169 -8.22 -8.89 -4.52
C ALA B 169 -8.20 -9.69 -3.22
N CYS B 170 -9.31 -9.64 -2.50
CA CYS B 170 -9.43 -10.37 -1.23
C CYS B 170 -9.27 -11.88 -1.45
N ASP B 171 -9.92 -12.41 -2.47
CA ASP B 171 -9.78 -13.83 -2.81
C ASP B 171 -8.32 -14.18 -3.10
N LEU B 172 -7.65 -13.31 -3.84
CA LEU B 172 -6.24 -13.54 -4.16
C LEU B 172 -5.40 -13.61 -2.89
N ALA B 173 -5.62 -12.64 -1.99
CA ALA B 173 -4.93 -12.62 -0.71
C ALA B 173 -5.17 -13.89 0.11
N LEU B 174 -6.41 -14.34 0.14
CA LEU B 174 -6.78 -15.52 0.93
C LEU B 174 -6.16 -16.77 0.34
N ARG B 175 -6.17 -16.87 -0.98
CA ARG B 175 -5.51 -17.97 -1.68
C ARG B 175 -4.03 -18.04 -1.34
N ARG B 176 -3.34 -16.90 -1.44
CA ARG B 176 -1.93 -16.85 -1.08
C ARG B 176 -1.70 -17.27 0.37
N THR B 177 -2.59 -16.80 1.25
CA THR B 177 -2.51 -17.13 2.67
C THR B 177 -2.62 -18.63 2.90
N VAL B 178 -3.57 -19.26 2.23
CA VAL B 178 -3.78 -20.70 2.34
C VAL B 178 -2.59 -21.47 1.79
N VAL B 179 -2.08 -21.04 0.64
CA VAL B 179 -0.90 -21.67 0.05
C VAL B 179 0.28 -21.62 1.00
N LEU B 180 0.49 -20.47 1.64
CA LEU B 180 1.64 -20.29 2.52
C LEU B 180 1.51 -21.05 3.85
N LEU B 181 0.36 -20.95 4.48
CA LEU B 181 0.18 -21.54 5.82
C LEU B 181 -0.13 -23.03 5.76
N ARG B 182 -0.57 -23.49 4.59
CA ARG B 182 -0.90 -24.89 4.36
C ARG B 182 -1.91 -25.46 5.37
N PRO B 183 -3.09 -24.83 5.49
CA PRO B 183 -4.00 -25.38 6.50
C PRO B 183 -4.74 -26.60 5.99
N ARG B 184 -5.09 -27.51 6.89
CA ARG B 184 -5.88 -28.68 6.52
C ARG B 184 -7.33 -28.27 6.34
N VAL B 185 -7.77 -27.32 7.16
CA VAL B 185 -9.16 -26.85 7.13
C VAL B 185 -9.20 -25.32 7.13
N VAL B 186 -10.12 -24.75 6.35
CA VAL B 186 -10.36 -23.31 6.36
C VAL B 186 -11.77 -23.05 6.84
N ILE B 187 -11.88 -22.36 7.98
CA ILE B 187 -13.17 -22.17 8.62
C ILE B 187 -13.63 -20.73 8.59
N GLY B 188 -14.75 -20.48 7.90
CA GLY B 188 -15.32 -19.15 7.84
C GLY B 188 -16.03 -18.83 9.14
N VAL B 189 -15.85 -17.60 9.61
CA VAL B 189 -16.56 -17.13 10.79
C VAL B 189 -17.80 -16.37 10.37
N GLY B 190 -18.95 -17.04 10.39
CA GLY B 190 -20.16 -16.49 9.81
C GLY B 190 -20.35 -16.98 8.38
N ALA B 191 -21.56 -16.83 7.87
CA ALA B 191 -21.92 -17.41 6.57
C ALA B 191 -21.27 -16.69 5.39
N PHE B 192 -21.09 -15.37 5.53
CA PHE B 192 -20.55 -14.59 4.42
C PHE B 192 -19.08 -14.96 4.20
N ALA B 193 -18.34 -15.02 5.30
CA ALA B 193 -16.94 -15.45 5.28
C ALA B 193 -16.80 -16.85 4.69
N GLU B 194 -17.68 -17.76 5.08
CA GLU B 194 -17.65 -19.12 4.55
C GLU B 194 -17.89 -19.12 3.03
N ALA B 195 -18.83 -18.28 2.60
CA ALA B 195 -19.15 -18.16 1.19
C ALA B 195 -17.93 -17.67 0.40
N ARG B 196 -17.30 -16.62 0.92
CA ARG B 196 -16.10 -16.07 0.29
C ARG B 196 -14.98 -17.10 0.26
N CYS B 197 -14.88 -17.89 1.33
CA CYS B 197 -13.89 -18.97 1.38
C CYS B 197 -14.10 -20.03 0.30
N HIS B 198 -15.32 -20.54 0.22
CA HIS B 198 -15.71 -21.41 -0.89
C HIS B 198 -15.37 -20.83 -2.27
N GLU B 199 -15.78 -19.59 -2.55
CA GLU B 199 -15.51 -19.01 -3.87
C GLU B 199 -14.01 -18.92 -4.13
N ALA B 200 -13.32 -18.28 -3.20
CA ALA B 200 -11.88 -18.06 -3.29
C ALA B 200 -11.04 -19.31 -3.40
N LEU B 201 -11.37 -20.32 -2.60
CA LEU B 201 -10.52 -21.50 -2.51
C LEU B 201 -11.04 -22.64 -3.36
N GLU B 202 -11.73 -22.28 -4.43
CA GLU B 202 -12.26 -23.26 -5.38
C GLU B 202 -11.13 -24.10 -5.98
N GLY B 203 -11.33 -25.40 -6.00
CA GLY B 203 -10.33 -26.31 -6.54
C GLY B 203 -9.17 -26.58 -5.60
N PHE B 204 -9.26 -26.07 -4.37
CA PHE B 204 -8.19 -26.29 -3.40
C PHE B 204 -8.40 -27.62 -2.71
N ASP B 205 -7.30 -28.27 -2.34
CA ASP B 205 -7.39 -29.52 -1.62
C ASP B 205 -7.44 -29.16 -0.14
N VAL B 206 -8.58 -28.60 0.27
CA VAL B 206 -8.74 -28.15 1.63
C VAL B 206 -10.23 -28.21 2.00
N GLU B 207 -10.52 -28.45 3.27
CA GLU B 207 -11.90 -28.52 3.72
C GLU B 207 -12.35 -27.13 4.16
N VAL B 208 -13.47 -26.69 3.59
CA VAL B 208 -14.04 -25.42 3.99
C VAL B 208 -15.22 -25.73 4.90
N GLY B 209 -15.34 -24.94 5.97
CA GLY B 209 -16.38 -25.18 6.95
C GLY B 209 -16.75 -23.86 7.59
N ARG B 210 -17.52 -23.91 8.66
CA ARG B 210 -17.93 -22.68 9.32
C ARG B 210 -18.22 -22.89 10.80
N ILE B 211 -18.02 -21.81 11.56
CA ILE B 211 -18.54 -21.72 12.91
C ILE B 211 -19.55 -20.58 12.96
N ILE B 212 -20.46 -20.63 13.92
CA ILE B 212 -21.47 -19.59 14.07
C ILE B 212 -20.83 -18.23 14.32
N HIS B 213 -21.39 -17.21 13.68
CA HIS B 213 -20.89 -15.84 13.83
C HIS B 213 -21.01 -15.38 15.28
N PRO B 214 -19.98 -14.70 15.79
CA PRO B 214 -19.94 -14.35 17.22
C PRO B 214 -20.98 -13.30 17.61
N SER B 215 -21.68 -12.75 16.63
CA SER B 215 -22.75 -11.79 16.90
C SER B 215 -24.08 -12.28 16.32
N ARG B 223 -29.43 -20.25 22.11
CA ARG B 223 -28.33 -21.16 21.84
C ARG B 223 -27.00 -20.59 22.36
N ASP B 224 -26.27 -21.42 23.09
CA ASP B 224 -24.97 -21.02 23.63
C ASP B 224 -23.91 -20.99 22.53
N TRP B 225 -23.50 -19.77 22.16
CA TRP B 225 -22.60 -19.55 21.03
C TRP B 225 -21.35 -20.43 21.07
N ALA B 226 -20.65 -20.41 22.19
CA ALA B 226 -19.37 -21.10 22.31
C ALA B 226 -19.53 -22.61 22.21
N GLY B 227 -20.60 -23.14 22.80
CA GLY B 227 -20.90 -24.56 22.73
C GLY B 227 -21.20 -24.98 21.31
N THR B 228 -21.95 -24.14 20.62
CA THR B 228 -22.32 -24.38 19.23
C THR B 228 -21.06 -24.43 18.36
N ALA B 229 -20.24 -23.40 18.49
CA ALA B 229 -18.95 -23.34 17.81
C ALA B 229 -18.11 -24.59 18.08
N LEU B 230 -18.06 -25.01 19.35
CA LEU B 230 -17.32 -26.20 19.74
C LEU B 230 -17.84 -27.45 19.02
N ARG B 231 -19.16 -27.60 18.96
CA ARG B 231 -19.76 -28.74 18.28
C ARG B 231 -19.40 -28.72 16.79
N GLN B 232 -19.56 -27.56 16.16
CA GLN B 232 -19.21 -27.38 14.75
C GLN B 232 -17.75 -27.74 14.48
N LEU B 233 -16.87 -27.31 15.37
CA LEU B 233 -15.44 -27.60 15.25
C LEU B 233 -15.16 -29.10 15.37
N ALA B 234 -15.76 -29.71 16.39
CA ALA B 234 -15.63 -31.15 16.61
C ALA B 234 -16.09 -31.95 15.40
N GLU B 235 -17.20 -31.54 14.80
CA GLU B 235 -17.75 -32.24 13.64
C GLU B 235 -16.88 -32.01 12.39
N LEU B 236 -16.15 -30.90 12.37
CA LEU B 236 -15.21 -30.64 11.29
C LEU B 236 -13.89 -31.38 11.52
N GLY B 237 -13.84 -32.17 12.59
CA GLY B 237 -12.66 -32.95 12.90
C GLY B 237 -11.48 -32.11 13.35
N VAL B 238 -11.77 -31.05 14.07
CA VAL B 238 -10.72 -30.20 14.64
C VAL B 238 -10.74 -30.28 16.15
N ASP B 239 -9.61 -30.64 16.76
CA ASP B 239 -9.51 -30.65 18.20
C ASP B 239 -9.35 -29.22 18.71
N PHE B 240 -10.26 -28.81 19.59
CA PHE B 240 -10.25 -27.46 20.11
C PHE B 240 -10.23 -27.46 21.63
#